data_1A5F
#
_entry.id   1A5F
#
_cell.length_a   44.460
_cell.length_b   83.790
_cell.length_c   132.450
_cell.angle_alpha   90.00
_cell.angle_beta   90.00
_cell.angle_gamma   90.00
#
_symmetry.space_group_name_H-M   'P 21 21 21'
#
loop_
_entity.id
_entity.type
_entity.pdbx_description
1 polymer 'MONOCLONAL ANTI-E-SELECTIN 7A9 ANTIBODY (LIGHT CHAIN)'
2 polymer 'MONOCLONAL ANTI-E-SELECTIN 7A9 ANTIBODY (HEAVY CHAIN)'
3 water water
#
loop_
_entity_poly.entity_id
_entity_poly.type
_entity_poly.pdbx_seq_one_letter_code
_entity_poly.pdbx_strand_id
1 'polypeptide(L)'
;DIVMTQSPSSLTVTTGEKVTMTCKSSQSLLNSGAQKNYLTWYQQKPGQSPKLLIYWASTRESGVPDRFTGSGSGTDFTLS
ISGVQAEDLAVYYCQNNYNYPLTFGAGTKLELKRADAAPTVSIFPPSSEQLTSGGASVVCFLNNFYPKDINVKWKIDGSE
RQNGVLNSWTDQDSKDSTYSMSSTLTLTKDEYERHNSYTCEATHKTSTSPIVKSFNRNEC
;
L
2 'polypeptide(L)'
;EVALQQSGAELVKPGASVKLSCAASGFTIKDAYMHWVKQKPEQGLEWIGRIDSGSSNTNYDPTFKGKATITADDSSNTAY
LQMSSLTSEDTAVYYCARVGLSYWYAMDYWGQGTSVTVSSAKTTPPSVYPLAPGSAAQTNSMVTLGCLVKGYFPEPVTVT
WNSGSLSSGVHTFPAVLQSDLYTLSSSVSVPTSTETVTCNVAHAPSSTKVDKKIVPR
;
H
#
# COMPACT_ATOMS: atom_id res chain seq x y z
N ASP A 1 4.61 -28.35 -4.21
CA ASP A 1 4.39 -27.28 -5.23
C ASP A 1 5.79 -26.76 -5.56
N ILE A 2 5.88 -25.81 -6.48
CA ILE A 2 7.16 -25.22 -6.87
C ILE A 2 7.23 -23.87 -6.14
N VAL A 3 8.19 -23.81 -5.22
CA VAL A 3 8.43 -22.61 -4.43
C VAL A 3 9.40 -21.65 -5.13
N MET A 4 8.83 -20.48 -5.42
CA MET A 4 9.52 -19.39 -6.08
C MET A 4 10.19 -18.57 -5.00
N THR A 5 11.52 -18.60 -5.02
CA THR A 5 12.33 -17.87 -4.06
C THR A 5 13.13 -16.78 -4.75
N GLN A 6 12.88 -15.55 -4.33
CA GLN A 6 13.52 -14.42 -4.90
C GLN A 6 13.86 -13.37 -3.85
N SER A 7 15.16 -13.12 -3.73
CA SER A 7 15.74 -12.17 -2.79
C SER A 7 16.57 -11.06 -3.46
N PRO A 8 16.71 -9.89 -2.79
CA PRO A 8 16.15 -9.55 -1.47
C PRO A 8 14.78 -8.98 -1.68
N SER A 9 14.07 -8.70 -0.60
CA SER A 9 12.75 -8.09 -0.69
C SER A 9 12.86 -6.69 -1.31
N SER A 10 14.01 -6.07 -1.08
CA SER A 10 14.31 -4.75 -1.58
C SER A 10 15.78 -4.70 -1.90
N LEU A 11 16.06 -3.86 -2.90
CA LEU A 11 17.39 -3.62 -3.44
C LEU A 11 17.52 -2.12 -3.67
N THR A 12 18.58 -1.54 -3.12
CA THR A 12 18.86 -0.11 -3.26
C THR A 12 19.52 0.11 -4.63
N VAL A 13 18.83 0.86 -5.51
CA VAL A 13 19.28 1.13 -6.88
C VAL A 13 19.67 2.56 -7.17
N THR A 14 20.78 2.78 -7.88
CA THR A 14 21.20 4.14 -8.25
C THR A 14 20.69 4.42 -9.66
N THR A 15 20.28 5.65 -9.92
CA THR A 15 19.75 5.99 -11.24
C THR A 15 20.72 5.72 -12.42
N GLY A 16 20.19 5.15 -13.50
CA GLY A 16 21.01 4.87 -14.67
C GLY A 16 21.91 3.64 -14.64
N GLU A 17 21.98 3.00 -13.49
CA GLU A 17 22.80 1.80 -13.33
C GLU A 17 22.10 0.53 -13.85
N LYS A 18 22.81 -0.58 -13.71
CA LYS A 18 22.34 -1.87 -14.13
C LYS A 18 21.95 -2.68 -12.89
N VAL A 19 20.66 -2.88 -12.67
CA VAL A 19 20.20 -3.69 -11.55
C VAL A 19 20.05 -5.15 -12.02
N THR A 20 20.23 -6.10 -11.12
CA THR A 20 20.06 -7.51 -11.50
C THR A 20 19.30 -8.19 -10.39
N MET A 21 18.04 -8.54 -10.61
CA MET A 21 17.23 -9.25 -9.62
C MET A 21 17.37 -10.76 -9.84
N THR A 22 17.12 -11.54 -8.82
CA THR A 22 17.23 -13.00 -8.92
C THR A 22 15.98 -13.71 -8.44
N CYS A 23 15.78 -14.89 -9.01
CA CYS A 23 14.69 -15.82 -8.72
C CYS A 23 15.26 -17.25 -8.71
N LYS A 24 14.63 -18.14 -7.96
CA LYS A 24 15.04 -19.56 -7.89
C LYS A 24 13.81 -20.40 -7.60
N SER A 25 13.85 -21.69 -7.95
CA SER A 25 12.72 -22.58 -7.69
C SER A 25 13.06 -23.99 -7.20
N SER A 26 12.08 -24.61 -6.56
CA SER A 26 12.16 -25.98 -6.03
C SER A 26 12.25 -27.05 -7.14
N GLN A 27 11.23 -27.15 -7.97
CA GLN A 27 11.26 -28.09 -9.10
C GLN A 27 11.88 -27.29 -10.24
N SER A 28 12.33 -27.98 -11.28
CA SER A 28 12.90 -27.32 -12.45
C SER A 28 11.67 -26.91 -13.23
N LEU A 29 11.73 -25.79 -13.96
CA LEU A 29 10.60 -25.30 -14.77
C LEU A 29 10.87 -25.56 -16.24
N LEU A 30 11.98 -26.24 -16.48
CA LEU A 30 12.39 -26.59 -17.82
C LEU A 30 11.32 -27.52 -18.34
N ASN A 31 10.97 -27.36 -19.62
CA ASN A 31 9.97 -28.20 -20.25
C ASN A 31 10.65 -28.98 -21.34
N SER A 32 11.25 -30.12 -20.96
CA SER A 32 11.98 -31.01 -21.87
C SER A 32 11.35 -31.16 -23.24
N GLY A 33 10.06 -30.84 -23.34
CA GLY A 33 9.37 -30.89 -24.61
C GLY A 33 9.82 -29.68 -25.42
N ALA A 34 9.19 -28.54 -25.09
CA ALA A 34 9.43 -27.20 -25.70
C ALA A 34 10.86 -26.71 -25.46
N GLN A 35 11.49 -27.30 -24.47
CA GLN A 35 12.84 -26.96 -24.11
C GLN A 35 13.00 -25.52 -23.59
N LYS A 36 11.89 -24.85 -23.32
CA LYS A 36 11.94 -23.50 -22.78
C LYS A 36 11.46 -23.52 -21.34
N ASN A 37 12.08 -22.66 -20.52
CA ASN A 37 11.77 -22.55 -19.10
C ASN A 37 10.45 -21.81 -18.86
N TYR A 38 9.48 -22.51 -18.29
CA TYR A 38 8.18 -21.92 -18.03
C TYR A 38 8.11 -21.00 -16.81
N LEU A 39 8.75 -19.83 -16.94
CA LEU A 39 8.85 -18.81 -15.91
C LEU A 39 8.49 -17.42 -16.41
N THR A 40 7.46 -16.81 -15.84
CA THR A 40 7.06 -15.45 -16.22
C THR A 40 7.77 -14.44 -15.29
N TRP A 41 7.71 -13.17 -15.68
CA TRP A 41 8.26 -12.07 -14.90
C TRP A 41 7.28 -10.92 -14.95
N TYR A 42 6.82 -10.54 -13.77
CA TYR A 42 5.83 -9.50 -13.59
C TYR A 42 6.45 -8.35 -12.83
N GLN A 43 5.79 -7.21 -12.89
CA GLN A 43 6.22 -5.99 -12.24
C GLN A 43 4.92 -5.47 -11.70
N GLN A 44 4.90 -5.01 -10.46
CA GLN A 44 3.65 -4.47 -9.96
C GLN A 44 3.90 -3.14 -9.31
N LYS A 45 2.94 -2.23 -9.49
CA LYS A 45 2.96 -0.88 -8.92
C LYS A 45 1.69 -0.57 -8.11
N PRO A 46 1.86 0.17 -7.00
CA PRO A 46 0.79 0.58 -6.09
C PRO A 46 -0.46 1.12 -6.78
N GLY A 47 -1.43 0.27 -7.01
CA GLY A 47 -2.66 0.72 -7.67
C GLY A 47 -2.77 0.25 -9.11
N GLN A 48 -1.96 -0.75 -9.44
CA GLN A 48 -1.98 -1.31 -10.76
C GLN A 48 -2.05 -2.80 -10.56
N SER A 49 -2.28 -3.48 -11.68
CA SER A 49 -2.31 -4.94 -11.76
C SER A 49 -0.88 -5.33 -12.22
N PRO A 50 -0.53 -6.61 -12.07
CA PRO A 50 0.83 -6.85 -12.55
C PRO A 50 0.91 -6.70 -14.08
N LYS A 51 2.13 -6.43 -14.58
CA LYS A 51 2.44 -6.23 -16.01
C LYS A 51 3.43 -7.27 -16.40
N LEU A 52 3.16 -7.97 -17.50
CA LEU A 52 4.02 -9.04 -17.99
C LEU A 52 5.21 -8.53 -18.81
N LEU A 53 6.40 -8.69 -18.26
CA LEU A 53 7.65 -8.21 -18.86
C LEU A 53 8.38 -9.26 -19.69
N ILE A 54 8.42 -10.46 -19.15
CA ILE A 54 9.10 -11.58 -19.78
C ILE A 54 8.31 -12.87 -19.49
N TYR A 55 8.40 -13.83 -20.41
CA TYR A 55 7.78 -15.17 -20.32
C TYR A 55 8.81 -16.05 -20.96
N TRP A 56 8.68 -17.35 -20.79
CA TRP A 56 9.65 -18.30 -21.33
C TRP A 56 11.08 -18.02 -20.82
N ALA A 57 11.14 -17.39 -19.64
CA ALA A 57 12.38 -17.04 -18.95
C ALA A 57 13.09 -15.80 -19.45
N SER A 58 13.07 -15.61 -20.76
CA SER A 58 13.73 -14.48 -21.35
C SER A 58 13.08 -13.90 -22.60
N THR A 59 11.80 -14.15 -22.81
CA THR A 59 11.15 -13.60 -23.99
C THR A 59 10.38 -12.36 -23.63
N ARG A 60 10.82 -11.23 -24.14
CA ARG A 60 10.16 -10.00 -23.83
C ARG A 60 8.76 -9.87 -24.40
N GLU A 61 7.94 -9.18 -23.66
CA GLU A 61 6.59 -9.01 -24.11
C GLU A 61 6.38 -7.69 -24.86
N SER A 62 5.35 -7.70 -25.70
CA SER A 62 5.01 -6.57 -26.53
C SER A 62 4.84 -5.23 -25.81
N GLY A 63 5.95 -4.52 -25.65
CA GLY A 63 5.92 -3.22 -25.00
C GLY A 63 6.89 -3.09 -23.85
N VAL A 64 7.57 -4.16 -23.50
CA VAL A 64 8.54 -4.04 -22.43
C VAL A 64 9.76 -3.38 -23.10
N PRO A 65 10.46 -2.49 -22.37
CA PRO A 65 11.63 -1.81 -22.95
C PRO A 65 12.84 -2.73 -23.10
N ASP A 66 13.60 -2.56 -24.17
CA ASP A 66 14.76 -3.42 -24.42
C ASP A 66 15.72 -3.51 -23.28
N ARG A 67 15.62 -2.53 -22.37
CA ARG A 67 16.50 -2.50 -21.22
C ARG A 67 16.19 -3.63 -20.21
N PHE A 68 15.10 -4.33 -20.46
CA PHE A 68 14.70 -5.46 -19.65
C PHE A 68 15.12 -6.76 -20.28
N THR A 69 15.89 -7.55 -19.53
CA THR A 69 16.37 -8.83 -20.04
C THR A 69 16.18 -10.03 -19.15
N GLY A 70 15.65 -11.07 -19.79
CA GLY A 70 15.45 -12.32 -19.08
C GLY A 70 16.66 -13.21 -19.23
N SER A 71 16.82 -14.13 -18.29
CA SER A 71 17.92 -15.07 -18.36
C SER A 71 17.57 -16.08 -17.29
N GLY A 72 18.39 -17.11 -17.16
CA GLY A 72 18.14 -18.13 -16.19
C GLY A 72 18.02 -19.47 -16.88
N SER A 73 18.27 -20.52 -16.11
CA SER A 73 18.18 -21.87 -16.64
C SER A 73 18.04 -22.88 -15.53
N GLY A 74 16.96 -23.68 -15.60
CA GLY A 74 16.73 -24.70 -14.61
C GLY A 74 15.86 -24.19 -13.49
N THR A 75 16.53 -23.90 -12.36
CA THR A 75 15.90 -23.40 -11.13
C THR A 75 16.32 -21.97 -10.81
N ASP A 76 17.43 -21.57 -11.41
CA ASP A 76 18.04 -20.26 -11.23
C ASP A 76 17.92 -19.30 -12.43
N PHE A 77 17.17 -18.21 -12.21
CA PHE A 77 16.83 -17.19 -13.20
C PHE A 77 17.06 -15.74 -12.65
N THR A 78 17.21 -14.75 -13.54
CA THR A 78 17.47 -13.34 -13.15
C THR A 78 16.81 -12.28 -14.03
N LEU A 79 16.49 -11.13 -13.46
CA LEU A 79 15.90 -10.01 -14.22
C LEU A 79 16.89 -8.85 -14.24
N SER A 80 17.56 -8.66 -15.35
CA SER A 80 18.51 -7.56 -15.41
C SER A 80 17.93 -6.33 -16.10
N ILE A 81 17.81 -5.25 -15.32
CA ILE A 81 17.35 -3.96 -15.82
C ILE A 81 18.65 -3.16 -15.92
N SER A 82 19.15 -2.94 -17.14
CA SER A 82 20.36 -2.16 -17.27
C SER A 82 19.89 -0.80 -17.73
N GLY A 83 20.38 0.25 -17.09
CA GLY A 83 19.94 1.59 -17.41
C GLY A 83 18.63 1.73 -16.64
N VAL A 84 18.70 1.54 -15.32
CA VAL A 84 17.49 1.66 -14.51
C VAL A 84 16.90 3.09 -14.47
N GLN A 85 15.59 3.17 -14.73
CA GLN A 85 14.84 4.43 -14.73
C GLN A 85 14.00 4.58 -13.48
N ALA A 86 13.25 5.66 -13.41
CA ALA A 86 12.41 5.91 -12.24
C ALA A 86 11.08 5.19 -12.34
N GLU A 87 10.70 4.84 -13.56
CA GLU A 87 9.45 4.11 -13.83
C GLU A 87 9.68 2.61 -13.54
N ASP A 88 10.94 2.25 -13.49
CA ASP A 88 11.35 0.89 -13.24
C ASP A 88 11.35 0.71 -11.72
N LEU A 89 10.93 1.73 -11.01
CA LEU A 89 10.88 1.60 -9.57
C LEU A 89 9.52 1.00 -9.35
N ALA A 90 9.53 -0.27 -9.02
CA ALA A 90 8.30 -0.99 -8.77
C ALA A 90 8.73 -2.33 -8.20
N VAL A 91 7.76 -3.20 -7.87
CA VAL A 91 8.09 -4.52 -7.34
C VAL A 91 8.19 -5.48 -8.52
N TYR A 92 9.06 -6.46 -8.37
CA TYR A 92 9.28 -7.46 -9.39
C TYR A 92 9.15 -8.89 -8.84
N TYR A 93 8.15 -9.62 -9.33
CA TYR A 93 7.89 -11.00 -8.94
C TYR A 93 8.21 -12.01 -10.05
N CYS A 94 8.64 -13.19 -9.67
CA CYS A 94 8.86 -14.20 -10.66
C CYS A 94 7.81 -15.23 -10.34
N GLN A 95 7.16 -15.74 -11.36
CA GLN A 95 6.15 -16.74 -11.16
C GLN A 95 6.60 -17.99 -11.84
N ASN A 96 5.89 -19.04 -11.50
CA ASN A 96 6.12 -20.32 -12.10
C ASN A 96 4.91 -20.41 -13.00
N ASN A 97 5.07 -20.81 -14.25
CA ASN A 97 3.90 -20.97 -15.09
C ASN A 97 4.09 -22.38 -15.62
N TYR A 98 4.85 -23.17 -14.86
CA TYR A 98 5.17 -24.53 -15.23
C TYR A 98 4.16 -25.63 -14.84
N ASN A 99 3.77 -25.63 -13.57
CA ASN A 99 2.87 -26.60 -13.04
C ASN A 99 1.84 -25.97 -12.18
N TYR A 100 0.89 -26.79 -11.73
CA TYR A 100 -0.17 -26.33 -10.86
C TYR A 100 0.05 -26.91 -9.44
N PRO A 101 -0.28 -26.13 -8.40
CA PRO A 101 -0.83 -24.77 -8.52
C PRO A 101 0.27 -23.74 -8.86
N LEU A 102 -0.20 -22.60 -9.36
CA LEU A 102 0.65 -21.50 -9.80
C LEU A 102 1.21 -20.72 -8.64
N THR A 103 2.53 -20.72 -8.54
CA THR A 103 3.23 -20.05 -7.45
C THR A 103 4.04 -18.85 -7.95
N PHE A 104 3.86 -17.69 -7.33
CA PHE A 104 4.66 -16.53 -7.70
C PHE A 104 5.72 -16.58 -6.60
N GLY A 105 6.61 -15.58 -6.58
CA GLY A 105 7.59 -15.49 -5.53
C GLY A 105 7.07 -14.41 -4.59
N ALA A 106 7.98 -13.80 -3.84
CA ALA A 106 7.62 -12.73 -2.89
C ALA A 106 7.83 -11.28 -3.42
N GLY A 107 8.77 -11.13 -4.34
CA GLY A 107 9.09 -9.84 -4.93
C GLY A 107 10.36 -9.18 -4.44
N THR A 108 10.93 -8.32 -5.29
CA THR A 108 12.09 -7.51 -4.97
C THR A 108 11.60 -6.13 -5.40
N LYS A 109 11.87 -5.14 -4.56
CA LYS A 109 11.44 -3.78 -4.81
C LYS A 109 12.68 -2.92 -5.03
N LEU A 110 12.52 -1.91 -5.86
CA LEU A 110 13.61 -1.00 -6.16
C LEU A 110 13.32 0.31 -5.42
N GLU A 111 14.37 0.83 -4.76
CA GLU A 111 14.29 2.09 -4.06
C GLU A 111 15.48 2.89 -4.57
N LEU A 112 15.19 4.10 -5.05
CA LEU A 112 16.22 5.00 -5.59
C LEU A 112 17.11 5.64 -4.56
N LYS A 113 18.40 5.35 -4.66
CA LYS A 113 19.40 5.90 -3.76
C LYS A 113 19.43 7.43 -3.76
N ARG A 114 19.05 8.02 -2.64
CA ARG A 114 19.13 9.46 -2.42
C ARG A 114 20.34 9.47 -1.48
N ALA A 115 20.41 10.47 -0.64
CA ALA A 115 21.48 10.54 0.33
C ALA A 115 20.79 10.78 1.65
N ASP A 116 21.32 10.15 2.69
CA ASP A 116 20.79 10.27 4.05
C ASP A 116 20.18 11.64 4.30
N ALA A 117 19.01 11.63 4.95
CA ALA A 117 18.30 12.86 5.27
C ALA A 117 17.80 12.71 6.70
N ALA A 118 18.01 13.72 7.53
CA ALA A 118 17.55 13.66 8.91
C ALA A 118 16.05 13.97 8.95
N PRO A 119 15.28 13.09 9.61
CA PRO A 119 13.84 13.34 9.69
C PRO A 119 13.62 14.72 10.29
N THR A 120 12.60 15.39 9.77
CA THR A 120 12.23 16.71 10.23
C THR A 120 11.04 16.44 11.11
N VAL A 121 11.34 16.09 12.38
CA VAL A 121 10.38 15.73 13.42
C VAL A 121 9.57 16.90 13.99
N SER A 122 8.28 16.70 14.20
CA SER A 122 7.40 17.70 14.77
C SER A 122 6.29 16.94 15.50
N ILE A 123 5.90 17.46 16.67
CA ILE A 123 4.89 16.86 17.52
C ILE A 123 3.77 17.88 17.65
N PHE A 124 2.53 17.42 17.79
CA PHE A 124 1.39 18.32 17.93
C PHE A 124 0.46 17.94 19.07
N PRO A 125 0.24 18.87 20.02
CA PRO A 125 -0.67 18.50 21.12
C PRO A 125 -2.08 18.40 20.57
N PRO A 126 -2.93 17.56 21.18
CA PRO A 126 -4.31 17.39 20.77
C PRO A 126 -5.03 18.74 20.52
N SER A 127 -6.02 18.72 19.64
CA SER A 127 -6.80 19.89 19.33
C SER A 127 -7.87 20.10 20.38
N SER A 128 -8.41 21.31 20.40
CA SER A 128 -9.47 21.70 21.32
C SER A 128 -10.51 20.58 21.16
N GLU A 129 -11.07 20.52 19.97
CA GLU A 129 -12.09 19.54 19.59
C GLU A 129 -11.73 18.07 19.85
N GLN A 130 -10.47 17.74 19.68
CA GLN A 130 -10.03 16.39 19.90
C GLN A 130 -10.42 15.97 21.30
N LEU A 131 -10.43 16.93 22.20
CA LEU A 131 -10.77 16.64 23.59
C LEU A 131 -12.25 16.64 23.97
N THR A 132 -13.11 17.35 23.25
CA THR A 132 -14.51 17.29 23.63
C THR A 132 -14.96 15.85 23.43
N SER A 133 -14.41 15.23 22.39
CA SER A 133 -14.72 13.85 22.07
C SER A 133 -14.01 12.91 23.03
N GLY A 134 -13.90 13.30 24.31
CA GLY A 134 -13.27 12.48 25.33
C GLY A 134 -11.94 11.80 25.02
N GLY A 135 -11.32 12.14 23.89
CA GLY A 135 -10.06 11.51 23.53
C GLY A 135 -8.99 12.52 23.20
N ALA A 136 -7.75 12.05 23.04
CA ALA A 136 -6.61 12.91 22.72
C ALA A 136 -5.42 12.19 22.09
N SER A 137 -5.27 12.38 20.80
CA SER A 137 -4.19 11.79 20.04
C SER A 137 -3.09 12.85 20.03
N VAL A 138 -1.83 12.42 19.98
CA VAL A 138 -0.74 13.37 19.96
C VAL A 138 0.06 12.98 18.72
N VAL A 139 -0.04 13.77 17.66
CA VAL A 139 0.65 13.44 16.40
C VAL A 139 2.07 13.91 16.24
N CYS A 140 2.89 13.08 15.62
CA CYS A 140 4.26 13.41 15.30
C CYS A 140 4.54 13.11 13.80
N PHE A 141 5.10 14.10 13.13
CA PHE A 141 5.40 13.92 11.73
C PHE A 141 6.89 13.74 11.55
N LEU A 142 7.33 12.53 11.23
CA LEU A 142 8.75 12.36 10.97
C LEU A 142 8.90 12.41 9.45
N ASN A 143 8.88 13.62 8.91
CA ASN A 143 8.96 13.87 7.49
C ASN A 143 10.33 13.98 6.86
N ASN A 144 10.42 13.52 5.62
CA ASN A 144 11.64 13.59 4.81
C ASN A 144 12.96 13.04 5.32
N PHE A 145 13.19 11.75 5.19
CA PHE A 145 14.45 11.18 5.64
C PHE A 145 15.07 10.08 4.74
N TYR A 146 16.32 9.74 4.98
CA TYR A 146 16.92 8.68 4.21
C TYR A 146 18.12 8.18 4.99
N PRO A 147 18.29 6.84 5.09
CA PRO A 147 17.46 5.76 4.55
C PRO A 147 16.09 5.50 5.20
N LYS A 148 15.36 4.51 4.67
CA LYS A 148 14.03 4.16 5.16
C LYS A 148 13.96 3.95 6.68
N ASP A 149 14.98 3.32 7.25
CA ASP A 149 15.04 3.04 8.68
C ASP A 149 15.08 4.22 9.67
N ILE A 150 14.34 4.04 10.77
CA ILE A 150 14.21 4.97 11.91
C ILE A 150 13.16 4.39 12.91
N ASN A 151 13.43 4.55 14.21
CA ASN A 151 12.59 4.05 15.32
C ASN A 151 12.20 5.25 16.17
N VAL A 152 10.91 5.49 16.31
CA VAL A 152 10.43 6.58 17.16
C VAL A 152 10.22 6.05 18.62
N LYS A 153 10.00 6.96 19.58
CA LYS A 153 9.79 6.60 20.99
C LYS A 153 8.91 7.61 21.62
N TRP A 154 7.79 7.15 22.18
CA TRP A 154 6.82 8.00 22.86
C TRP A 154 6.99 7.92 24.39
N LYS A 155 6.53 8.93 25.11
CA LYS A 155 6.70 8.92 26.56
C LYS A 155 6.12 10.14 27.20
N ILE A 156 5.24 9.87 28.14
CA ILE A 156 4.59 10.92 28.87
C ILE A 156 5.54 11.13 30.02
N ASP A 157 5.77 12.40 30.40
CA ASP A 157 6.63 12.74 31.52
C ASP A 157 7.85 11.89 31.74
N GLY A 158 8.67 11.74 30.72
CA GLY A 158 9.89 10.98 30.87
C GLY A 158 9.85 9.48 30.79
N SER A 159 8.67 8.88 30.86
CA SER A 159 8.51 7.42 30.83
C SER A 159 7.85 6.92 29.54
N GLU A 160 8.52 5.96 28.86
CA GLU A 160 8.04 5.40 27.60
C GLU A 160 6.67 4.72 27.54
N ARG A 161 5.78 5.33 26.76
CA ARG A 161 4.42 4.85 26.56
C ARG A 161 4.40 4.09 25.26
N GLN A 162 4.59 2.78 25.33
CA GLN A 162 4.58 1.92 24.13
C GLN A 162 3.16 1.41 23.84
N ASN A 163 2.17 2.27 24.07
CA ASN A 163 0.78 1.88 23.89
C ASN A 163 -0.08 3.00 23.29
N GLY A 164 -0.92 2.64 22.31
CA GLY A 164 -1.81 3.59 21.65
C GLY A 164 -1.19 4.32 20.45
N VAL A 165 -0.03 3.82 20.04
CA VAL A 165 0.76 4.38 18.95
C VAL A 165 0.50 3.78 17.58
N LEU A 166 0.03 4.60 16.63
CA LEU A 166 -0.22 4.17 15.26
C LEU A 166 0.88 4.73 14.40
N ASN A 167 1.60 3.88 13.70
CA ASN A 167 2.65 4.37 12.82
C ASN A 167 2.31 4.13 11.35
N SER A 168 2.02 5.21 10.63
CA SER A 168 1.71 5.12 9.21
C SER A 168 2.92 5.55 8.49
N TRP A 169 3.63 4.59 7.93
CA TRP A 169 4.84 4.84 7.19
C TRP A 169 4.43 5.30 5.81
N THR A 170 5.43 5.66 5.01
CA THR A 170 5.22 6.16 3.65
C THR A 170 6.28 5.70 2.65
N ASP A 171 5.78 5.10 1.59
CA ASP A 171 6.55 4.58 0.47
C ASP A 171 7.45 5.70 -0.06
N GLN A 172 8.65 5.37 -0.53
CA GLN A 172 9.58 6.37 -1.01
C GLN A 172 8.90 7.40 -1.87
N ASP A 173 9.40 8.64 -1.77
CA ASP A 173 8.92 9.78 -2.54
C ASP A 173 9.50 9.81 -3.98
N SER A 174 8.75 10.37 -4.91
CA SER A 174 9.15 10.44 -6.31
C SER A 174 10.17 11.53 -6.54
N LYS A 175 9.83 12.75 -6.16
CA LYS A 175 10.75 13.87 -6.33
C LYS A 175 12.08 13.74 -5.57
N ASP A 176 12.00 13.49 -4.26
CA ASP A 176 13.19 13.42 -3.46
C ASP A 176 13.65 12.07 -3.00
N SER A 177 13.00 11.03 -3.48
CA SER A 177 13.41 9.67 -3.13
C SER A 177 13.56 9.63 -1.58
N THR A 178 12.56 10.22 -0.94
CA THR A 178 12.52 10.39 0.51
C THR A 178 11.38 9.70 1.23
N TYR A 179 11.61 9.42 2.51
CA TYR A 179 10.61 8.80 3.36
C TYR A 179 10.05 9.76 4.42
N SER A 180 8.82 9.47 4.85
CA SER A 180 8.13 10.20 5.91
C SER A 180 7.43 9.14 6.76
N MET A 181 6.86 9.55 7.88
CA MET A 181 6.16 8.63 8.75
C MET A 181 5.31 9.46 9.70
N SER A 182 4.28 8.79 10.22
CA SER A 182 3.33 9.41 11.13
C SER A 182 2.91 8.49 12.29
N SER A 183 3.54 8.76 13.43
CA SER A 183 3.30 8.05 14.66
C SER A 183 2.43 8.97 15.46
N THR A 184 1.35 8.43 15.96
CA THR A 184 0.41 9.18 16.75
C THR A 184 0.00 8.28 17.91
N LEU A 185 0.21 8.79 19.12
CA LEU A 185 -0.11 8.06 20.33
C LEU A 185 -1.37 8.72 20.84
N THR A 186 -2.48 7.99 20.73
CA THR A 186 -3.82 8.42 21.13
C THR A 186 -4.08 8.08 22.59
N LEU A 187 -4.76 8.97 23.30
CA LEU A 187 -5.05 8.75 24.71
C LEU A 187 -6.45 9.28 25.00
N THR A 188 -6.89 9.11 26.23
CA THR A 188 -8.20 9.58 26.65
C THR A 188 -8.03 10.98 27.21
N LYS A 189 -9.08 11.81 27.22
CA LYS A 189 -8.91 13.17 27.71
C LYS A 189 -8.18 13.22 29.05
N ASP A 190 -8.73 12.57 30.05
CA ASP A 190 -8.18 12.51 31.41
C ASP A 190 -6.81 11.80 31.51
N GLU A 191 -6.42 11.04 30.48
CA GLU A 191 -5.13 10.37 30.43
C GLU A 191 -4.14 11.46 30.03
N TYR A 192 -4.55 12.17 28.98
CA TYR A 192 -3.85 13.27 28.39
C TYR A 192 -3.74 14.43 29.37
N GLU A 193 -4.75 14.64 30.19
CA GLU A 193 -4.73 15.74 31.16
C GLU A 193 -4.15 15.45 32.58
N ARG A 194 -3.93 14.17 32.87
CA ARG A 194 -3.36 13.74 34.14
C ARG A 194 -1.85 13.74 33.91
N HIS A 195 -1.40 14.56 32.97
CA HIS A 195 0.03 14.62 32.65
C HIS A 195 0.46 15.91 32.00
N ASN A 196 1.77 16.01 31.82
CA ASN A 196 2.35 17.21 31.27
C ASN A 196 3.11 17.11 29.97
N SER A 197 4.37 16.70 30.08
CA SER A 197 5.25 16.56 28.93
C SER A 197 4.87 15.36 28.09
N TYR A 198 5.23 15.42 26.80
CA TYR A 198 4.99 14.36 25.82
C TYR A 198 6.16 14.52 24.90
N THR A 199 6.74 13.43 24.40
CA THR A 199 7.90 13.57 23.55
C THR A 199 7.93 12.59 22.41
N CYS A 200 8.52 13.04 21.31
CA CYS A 200 8.65 12.27 20.10
C CYS A 200 10.17 12.07 20.03
N GLU A 201 10.60 10.82 20.24
CA GLU A 201 12.01 10.46 20.27
C GLU A 201 12.47 9.63 19.08
N ALA A 202 12.76 10.30 17.96
CA ALA A 202 13.20 9.65 16.72
C ALA A 202 14.68 9.26 16.64
N THR A 203 14.93 7.96 16.46
CA THR A 203 16.28 7.40 16.30
C THR A 203 16.45 6.97 14.85
N HIS A 204 17.36 7.66 14.18
CA HIS A 204 17.64 7.46 12.76
C HIS A 204 19.14 7.44 12.46
N LYS A 205 19.50 6.94 11.28
CA LYS A 205 20.90 6.81 10.84
C LYS A 205 21.75 8.06 10.80
N THR A 206 21.19 9.14 10.25
CA THR A 206 21.95 10.38 10.13
C THR A 206 22.68 10.90 11.39
N SER A 207 21.97 11.06 12.50
CA SER A 207 22.58 11.58 13.71
C SER A 207 23.29 10.50 14.53
N THR A 208 24.24 10.93 15.34
CA THR A 208 24.94 9.99 16.18
C THR A 208 24.28 10.03 17.58
N SER A 209 23.03 10.47 17.61
CA SER A 209 22.26 10.55 18.87
C SER A 209 20.79 10.76 18.48
N PRO A 210 19.83 10.45 19.38
CA PRO A 210 18.38 10.59 19.17
C PRO A 210 17.89 12.02 18.90
N ILE A 211 16.78 12.12 18.17
CA ILE A 211 16.23 13.42 17.86
C ILE A 211 15.11 13.60 18.83
N VAL A 212 15.10 14.75 19.50
CA VAL A 212 14.08 15.05 20.51
C VAL A 212 13.08 16.11 20.05
N LYS A 213 11.81 15.87 20.35
CA LYS A 213 10.72 16.80 20.04
C LYS A 213 9.58 16.63 21.07
N SER A 214 9.86 17.13 22.25
CA SER A 214 8.95 17.12 23.36
C SER A 214 8.07 18.37 23.31
N PHE A 215 6.88 18.21 23.85
CA PHE A 215 5.92 19.28 23.97
C PHE A 215 5.47 19.17 25.43
N ASN A 216 4.92 20.26 25.92
CA ASN A 216 4.57 20.29 27.30
C ASN A 216 3.16 20.85 27.40
N ARG A 217 2.27 19.96 27.80
CA ARG A 217 0.86 20.22 27.96
C ARG A 217 0.63 21.70 28.27
N ASN A 218 1.44 22.26 29.15
CA ASN A 218 1.28 23.67 29.48
C ASN A 218 2.37 24.67 29.06
N GLU A 219 2.25 25.08 27.79
CA GLU A 219 3.12 26.06 27.14
C GLU A 219 2.26 26.84 26.16
N CYS A 220 2.49 28.15 26.13
CA CYS A 220 1.74 29.07 25.26
C CYS A 220 2.12 30.51 25.60
N GLU B 1 -12.86 -5.67 -26.99
CA GLU B 1 -11.49 -6.22 -27.17
C GLU B 1 -11.07 -6.90 -25.86
N VAL B 2 -9.84 -7.39 -25.77
CA VAL B 2 -9.42 -8.02 -24.53
C VAL B 2 -9.55 -7.02 -23.37
N ALA B 3 -10.61 -7.21 -22.59
CA ALA B 3 -10.93 -6.42 -21.42
C ALA B 3 -11.47 -7.38 -20.36
N LEU B 4 -11.20 -7.06 -19.09
CA LEU B 4 -11.65 -7.82 -17.93
C LEU B 4 -12.37 -6.89 -16.94
N GLN B 5 -13.68 -6.77 -17.12
CA GLN B 5 -14.49 -5.93 -16.29
C GLN B 5 -14.71 -6.48 -14.90
N GLN B 6 -14.13 -5.81 -13.92
CA GLN B 6 -14.32 -6.21 -12.52
C GLN B 6 -15.34 -5.30 -11.81
N SER B 7 -15.02 -4.87 -10.60
CA SER B 7 -15.95 -4.04 -9.87
C SER B 7 -15.23 -2.93 -9.12
N GLY B 8 -13.99 -3.16 -8.76
CA GLY B 8 -13.28 -2.13 -8.03
C GLY B 8 -13.33 -2.37 -6.55
N ALA B 9 -14.55 -2.44 -5.98
CA ALA B 9 -14.71 -2.70 -4.54
C ALA B 9 -16.05 -3.24 -4.04
N GLU B 10 -15.98 -3.93 -2.91
CA GLU B 10 -17.17 -4.47 -2.27
C GLU B 10 -17.00 -4.69 -0.76
N LEU B 11 -17.99 -4.23 0.00
CA LEU B 11 -17.98 -4.41 1.46
C LEU B 11 -19.03 -5.47 1.80
N VAL B 12 -18.51 -6.59 2.25
CA VAL B 12 -19.29 -7.72 2.64
C VAL B 12 -19.21 -7.67 4.17
N LYS B 13 -20.22 -8.17 4.86
CA LYS B 13 -20.17 -8.20 6.31
C LYS B 13 -19.35 -9.45 6.64
N PRO B 14 -18.92 -9.62 7.91
CA PRO B 14 -18.14 -10.83 8.17
C PRO B 14 -19.12 -12.01 8.19
N GLY B 15 -18.61 -13.23 8.03
CA GLY B 15 -19.46 -14.42 8.00
C GLY B 15 -20.15 -14.67 6.66
N ALA B 16 -20.51 -13.60 5.94
CA ALA B 16 -21.20 -13.69 4.65
C ALA B 16 -20.40 -14.26 3.47
N SER B 17 -21.10 -14.61 2.39
CA SER B 17 -20.47 -15.18 1.20
C SER B 17 -20.71 -14.24 0.04
N VAL B 18 -19.68 -13.95 -0.75
CA VAL B 18 -19.87 -13.03 -1.86
C VAL B 18 -19.32 -13.45 -3.21
N LYS B 19 -20.18 -13.37 -4.22
CA LYS B 19 -19.81 -13.72 -5.60
C LYS B 19 -19.36 -12.44 -6.28
N LEU B 20 -18.27 -12.55 -7.02
CA LEU B 20 -17.73 -11.41 -7.73
C LEU B 20 -17.77 -11.82 -9.18
N SER B 21 -18.31 -10.93 -10.00
CA SER B 21 -18.40 -11.13 -11.43
C SER B 21 -17.22 -10.53 -12.17
N CYS B 22 -17.02 -11.01 -13.39
CA CYS B 22 -15.94 -10.51 -14.22
C CYS B 22 -16.15 -10.65 -15.71
N ALA B 23 -16.93 -9.69 -16.23
CA ALA B 23 -17.30 -9.57 -17.64
C ALA B 23 -16.07 -9.46 -18.58
N ALA B 24 -16.02 -10.38 -19.54
CA ALA B 24 -14.95 -10.45 -20.50
C ALA B 24 -15.45 -9.92 -21.83
N SER B 25 -14.52 -9.44 -22.63
CA SER B 25 -14.85 -8.94 -23.96
C SER B 25 -13.64 -9.19 -24.83
N GLY B 26 -13.87 -9.15 -26.14
CA GLY B 26 -12.80 -9.33 -27.12
C GLY B 26 -12.48 -10.78 -27.41
N PHE B 27 -12.90 -11.64 -26.50
CA PHE B 27 -12.69 -13.05 -26.64
C PHE B 27 -13.90 -13.72 -25.94
N THR B 28 -14.17 -14.96 -26.33
CA THR B 28 -15.25 -15.68 -25.69
C THR B 28 -14.63 -16.50 -24.58
N ILE B 29 -15.12 -16.34 -23.35
CA ILE B 29 -14.60 -17.12 -22.20
C ILE B 29 -14.64 -18.63 -22.53
N LYS B 30 -15.76 -19.04 -23.14
CA LYS B 30 -16.03 -20.41 -23.54
C LYS B 30 -14.83 -21.09 -24.14
N ASP B 31 -14.16 -20.41 -25.09
CA ASP B 31 -12.98 -20.98 -25.73
C ASP B 31 -11.64 -20.75 -24.99
N ALA B 32 -11.70 -20.18 -23.78
CA ALA B 32 -10.51 -19.95 -22.96
C ALA B 32 -10.67 -20.52 -21.54
N TYR B 33 -10.00 -19.88 -20.58
CA TYR B 33 -9.98 -20.26 -19.15
C TYR B 33 -9.69 -19.04 -18.28
N MET B 34 -10.67 -18.60 -17.53
CA MET B 34 -10.46 -17.48 -16.64
C MET B 34 -9.63 -17.97 -15.46
N HIS B 35 -8.81 -17.08 -14.89
CA HIS B 35 -7.98 -17.30 -13.70
C HIS B 35 -8.54 -16.40 -12.63
N TRP B 36 -8.28 -16.68 -11.37
CA TRP B 36 -8.65 -15.77 -10.30
C TRP B 36 -7.42 -15.66 -9.41
N VAL B 37 -7.07 -14.42 -9.09
CA VAL B 37 -5.88 -14.13 -8.28
C VAL B 37 -6.18 -13.28 -7.05
N LYS B 38 -5.51 -13.62 -5.94
CA LYS B 38 -5.69 -12.94 -4.66
C LYS B 38 -4.44 -12.18 -4.34
N GLN B 39 -4.64 -10.90 -4.08
CA GLN B 39 -3.59 -9.98 -3.74
C GLN B 39 -3.96 -9.41 -2.40
N LYS B 40 -3.21 -9.73 -1.37
CA LYS B 40 -3.52 -9.18 -0.05
C LYS B 40 -2.84 -7.83 0.16
N PRO B 41 -3.47 -6.98 0.97
CA PRO B 41 -2.90 -5.66 1.25
C PRO B 41 -1.45 -5.72 1.71
N GLU B 42 -0.64 -4.91 1.05
CA GLU B 42 0.76 -4.78 1.36
C GLU B 42 1.52 -6.11 1.32
N GLN B 43 0.87 -7.15 0.79
CA GLN B 43 1.49 -8.45 0.69
C GLN B 43 1.73 -8.83 -0.79
N GLY B 44 1.96 -10.13 -1.03
CA GLY B 44 2.19 -10.63 -2.38
C GLY B 44 0.98 -11.22 -3.12
N LEU B 45 1.28 -11.66 -4.34
CA LEU B 45 0.32 -12.28 -5.26
C LEU B 45 0.05 -13.76 -4.94
N GLU B 46 -1.20 -14.19 -5.02
CA GLU B 46 -1.47 -15.60 -4.77
C GLU B 46 -2.66 -16.14 -5.56
N TRP B 47 -2.44 -17.26 -6.24
CA TRP B 47 -3.45 -17.89 -7.11
C TRP B 47 -4.52 -18.59 -6.33
N ILE B 48 -5.75 -18.56 -6.83
CA ILE B 48 -6.88 -19.22 -6.20
C ILE B 48 -7.10 -20.50 -6.95
N GLY B 49 -7.47 -20.34 -8.22
CA GLY B 49 -7.73 -21.47 -9.09
C GLY B 49 -8.21 -20.89 -10.40
N ARG B 50 -8.47 -21.72 -11.40
CA ARG B 50 -8.93 -21.22 -12.68
C ARG B 50 -9.93 -22.11 -13.33
N ILE B 51 -11.04 -21.51 -13.76
CA ILE B 51 -12.08 -22.26 -14.43
C ILE B 51 -11.81 -22.38 -15.91
N ASP B 52 -11.53 -23.59 -16.32
CA ASP B 52 -11.31 -23.88 -17.69
C ASP B 52 -12.71 -24.25 -18.19
N SER B 53 -13.38 -23.24 -18.70
CA SER B 53 -14.73 -23.36 -19.23
C SER B 53 -14.89 -24.48 -20.27
N GLY B 54 -14.25 -24.30 -21.43
CA GLY B 54 -14.34 -25.26 -22.51
C GLY B 54 -14.39 -26.72 -22.09
N SER B 55 -13.25 -27.20 -21.61
CA SER B 55 -13.09 -28.59 -21.18
C SER B 55 -13.79 -28.82 -19.85
N SER B 56 -14.60 -27.85 -19.44
CA SER B 56 -15.35 -27.91 -18.17
C SER B 56 -14.40 -27.95 -16.97
N ASN B 57 -13.10 -28.01 -17.19
CA ASN B 57 -12.22 -28.11 -16.05
C ASN B 57 -12.10 -26.87 -15.17
N THR B 58 -11.73 -27.08 -13.91
CA THR B 58 -11.57 -25.96 -12.99
C THR B 58 -10.80 -26.38 -11.74
N ASN B 59 -9.48 -26.26 -11.76
CA ASN B 59 -8.66 -26.66 -10.63
C ASN B 59 -8.26 -25.55 -9.69
N TYR B 60 -8.45 -25.78 -8.39
CA TYR B 60 -8.10 -24.82 -7.33
C TYR B 60 -6.71 -24.99 -6.73
N ASP B 61 -6.53 -24.28 -5.61
CA ASP B 61 -5.33 -24.37 -4.80
C ASP B 61 -5.87 -25.05 -3.55
N PRO B 62 -5.28 -26.18 -3.14
CA PRO B 62 -5.80 -26.84 -1.95
C PRO B 62 -6.04 -25.78 -0.86
N THR B 63 -5.21 -24.74 -0.85
CA THR B 63 -5.32 -23.63 0.11
C THR B 63 -6.46 -22.66 -0.18
N PHE B 64 -7.47 -23.12 -0.88
CA PHE B 64 -8.60 -22.27 -1.24
C PHE B 64 -9.89 -23.10 -1.44
N LYS B 65 -9.72 -24.40 -1.70
CA LYS B 65 -10.80 -25.39 -1.95
C LYS B 65 -12.30 -25.14 -1.65
N GLY B 66 -12.67 -25.08 -0.36
CA GLY B 66 -14.07 -24.85 -0.02
C GLY B 66 -14.56 -23.41 -0.18
N LYS B 67 -13.73 -22.48 0.30
CA LYS B 67 -13.99 -21.04 0.25
C LYS B 67 -14.37 -20.48 -1.12
N ALA B 68 -13.53 -20.77 -2.10
CA ALA B 68 -13.76 -20.29 -3.44
C ALA B 68 -14.38 -21.33 -4.36
N THR B 69 -15.48 -20.96 -4.98
CA THR B 69 -16.16 -21.81 -5.95
C THR B 69 -16.14 -20.91 -7.19
N ILE B 70 -15.34 -21.30 -8.17
CA ILE B 70 -15.17 -20.54 -9.40
C ILE B 70 -16.13 -21.05 -10.47
N THR B 71 -17.01 -20.18 -10.94
CA THR B 71 -17.96 -20.59 -11.94
C THR B 71 -17.84 -19.70 -13.19
N ALA B 72 -18.82 -19.71 -14.09
CA ALA B 72 -18.69 -18.91 -15.30
C ALA B 72 -19.87 -18.97 -16.28
N ASP B 73 -20.69 -17.91 -16.31
CA ASP B 73 -21.82 -17.83 -17.23
C ASP B 73 -21.41 -17.53 -18.70
N ASP B 74 -21.34 -18.59 -19.48
CA ASP B 74 -20.94 -18.51 -20.89
C ASP B 74 -21.75 -17.55 -21.67
N SER B 75 -23.01 -17.35 -21.26
CA SER B 75 -23.92 -16.43 -21.96
C SER B 75 -24.01 -15.05 -21.33
N SER B 76 -22.88 -14.60 -20.80
CA SER B 76 -22.79 -13.30 -20.18
C SER B 76 -21.32 -12.93 -20.20
N ASN B 77 -20.52 -13.85 -20.70
CA ASN B 77 -19.08 -13.71 -20.78
C ASN B 77 -18.46 -13.26 -19.45
N THR B 78 -19.19 -13.54 -18.38
CA THR B 78 -18.75 -13.24 -17.03
C THR B 78 -18.22 -14.55 -16.43
N ALA B 79 -17.14 -14.44 -15.66
CA ALA B 79 -16.57 -15.58 -14.95
C ALA B 79 -16.94 -15.21 -13.53
N TYR B 80 -17.01 -16.17 -12.61
CA TYR B 80 -17.34 -15.85 -11.23
C TYR B 80 -16.40 -16.38 -10.17
N LEU B 81 -16.38 -15.68 -9.04
CA LEU B 81 -15.61 -16.04 -7.86
C LEU B 81 -16.60 -15.92 -6.71
N GLN B 82 -16.84 -17.05 -6.07
CA GLN B 82 -17.73 -17.04 -4.95
C GLN B 82 -16.77 -17.12 -3.81
N MET B 83 -17.07 -16.35 -2.79
CA MET B 83 -16.28 -16.28 -1.57
C MET B 83 -17.22 -16.73 -0.49
N SER B 84 -16.81 -17.75 0.25
CA SER B 84 -17.63 -18.38 1.29
C SER B 84 -17.34 -18.03 2.74
N SER B 85 -18.41 -17.68 3.48
CA SER B 85 -18.33 -17.29 4.90
C SER B 85 -17.01 -16.54 5.11
N LEU B 86 -17.05 -15.28 4.72
CA LEU B 86 -15.89 -14.43 4.76
C LEU B 86 -15.39 -13.93 6.10
N THR B 87 -14.08 -13.84 6.19
CA THR B 87 -13.37 -13.37 7.36
C THR B 87 -12.45 -12.21 6.92
N SER B 88 -11.61 -11.78 7.85
CA SER B 88 -10.64 -10.72 7.63
C SER B 88 -9.76 -11.16 6.51
N GLU B 89 -9.01 -12.23 6.73
CA GLU B 89 -8.05 -12.79 5.76
C GLU B 89 -8.56 -12.88 4.30
N ASP B 90 -9.88 -12.78 4.14
CA ASP B 90 -10.49 -12.84 2.82
C ASP B 90 -10.57 -11.44 2.26
N THR B 91 -10.08 -10.49 3.03
CA THR B 91 -10.08 -9.10 2.66
C THR B 91 -8.74 -8.88 1.96
N ALA B 92 -8.84 -8.56 0.67
CA ALA B 92 -7.69 -8.35 -0.18
C ALA B 92 -8.29 -8.07 -1.55
N VAL B 93 -7.46 -7.91 -2.59
CA VAL B 93 -7.97 -7.71 -3.95
C VAL B 93 -8.01 -9.01 -4.71
N TYR B 94 -9.08 -9.12 -5.47
CA TYR B 94 -9.34 -10.29 -6.26
C TYR B 94 -9.24 -9.98 -7.74
N TYR B 95 -8.22 -10.53 -8.35
CA TYR B 95 -7.99 -10.35 -9.76
C TYR B 95 -8.53 -11.40 -10.72
N CYS B 96 -8.86 -10.90 -11.89
CA CYS B 96 -9.36 -11.68 -12.99
C CYS B 96 -8.17 -11.77 -13.90
N ALA B 97 -7.85 -12.96 -14.39
CA ALA B 97 -6.71 -13.02 -15.26
C ALA B 97 -6.60 -14.19 -16.23
N ARG B 98 -5.48 -14.14 -16.92
CA ARG B 98 -5.04 -15.12 -17.89
C ARG B 98 -3.56 -14.81 -17.75
N VAL B 99 -3.07 -15.29 -16.61
CA VAL B 99 -1.71 -15.19 -16.12
C VAL B 99 -0.71 -15.86 -17.09
N TYR B 105 1.98 -22.01 -20.46
CA TYR B 105 1.39 -20.95 -21.32
C TYR B 105 0.90 -19.82 -20.42
N ALA B 106 1.62 -18.69 -20.46
CA ALA B 106 1.32 -17.52 -19.63
C ALA B 106 1.00 -16.32 -20.51
N MET B 107 -0.05 -15.62 -20.16
CA MET B 107 -0.47 -14.47 -20.91
C MET B 107 -0.60 -13.32 -19.95
N ASP B 108 -0.67 -12.11 -20.47
CA ASP B 108 -0.90 -10.98 -19.58
C ASP B 108 -2.32 -10.72 -19.92
N TYR B 109 -3.12 -10.36 -18.91
CA TYR B 109 -4.53 -10.00 -19.03
C TYR B 109 -5.07 -10.03 -17.63
N TRP B 110 -5.09 -8.84 -17.02
CA TRP B 110 -5.57 -8.68 -15.66
C TRP B 110 -6.66 -7.63 -15.61
N GLY B 111 -7.77 -7.95 -14.97
CA GLY B 111 -8.85 -7.00 -14.84
C GLY B 111 -8.43 -5.87 -13.92
N GLN B 112 -9.37 -5.01 -13.58
CA GLN B 112 -9.08 -3.89 -12.68
C GLN B 112 -8.93 -4.29 -11.19
N GLY B 113 -9.65 -5.33 -10.77
CA GLY B 113 -9.56 -5.77 -9.40
C GLY B 113 -10.76 -5.27 -8.62
N THR B 114 -11.20 -6.04 -7.64
CA THR B 114 -12.31 -5.61 -6.80
C THR B 114 -11.84 -5.81 -5.38
N SER B 115 -11.50 -4.68 -4.73
CA SER B 115 -11.06 -4.67 -3.34
C SER B 115 -12.27 -5.11 -2.54
N VAL B 116 -12.13 -6.19 -1.75
CA VAL B 116 -13.27 -6.61 -0.90
C VAL B 116 -12.92 -6.42 0.58
N THR B 117 -13.78 -5.66 1.23
CA THR B 117 -13.64 -5.31 2.63
C THR B 117 -14.72 -6.08 3.35
N VAL B 118 -14.30 -6.91 4.31
CA VAL B 118 -15.22 -7.68 5.15
C VAL B 118 -15.23 -6.89 6.45
N SER B 119 -16.39 -6.43 6.91
CA SER B 119 -16.40 -5.65 8.14
C SER B 119 -17.79 -5.41 8.68
N SER B 120 -17.94 -5.70 9.97
CA SER B 120 -19.21 -5.54 10.65
C SER B 120 -19.54 -4.07 10.90
N ALA B 121 -18.67 -3.17 10.42
CA ALA B 121 -18.84 -1.73 10.60
C ALA B 121 -19.78 -1.05 9.61
N LYS B 122 -20.38 0.05 10.08
CA LYS B 122 -21.28 0.86 9.27
C LYS B 122 -20.54 2.09 8.76
N THR B 123 -21.01 2.62 7.65
CA THR B 123 -20.43 3.82 7.07
C THR B 123 -20.60 4.94 8.06
N THR B 124 -19.50 5.24 8.75
CA THR B 124 -19.39 6.31 9.75
C THR B 124 -18.55 7.50 9.21
N PRO B 125 -19.01 8.74 9.48
CA PRO B 125 -18.36 9.98 9.07
C PRO B 125 -17.06 10.22 9.83
N PRO B 126 -16.01 10.66 9.11
CA PRO B 126 -14.75 10.91 9.78
C PRO B 126 -14.74 12.12 10.72
N SER B 127 -13.69 12.18 11.54
CA SER B 127 -13.50 13.28 12.46
C SER B 127 -12.20 14.02 12.12
N VAL B 128 -12.37 15.30 11.80
CA VAL B 128 -11.29 16.18 11.36
C VAL B 128 -10.78 17.13 12.43
N TYR B 129 -9.50 16.96 12.79
CA TYR B 129 -8.85 17.81 13.77
C TYR B 129 -7.56 18.35 13.18
N PRO B 130 -7.42 19.70 13.15
CA PRO B 130 -6.25 20.41 12.64
C PRO B 130 -5.09 20.34 13.64
N LEU B 131 -3.93 19.93 13.17
CA LEU B 131 -2.79 19.88 14.04
C LEU B 131 -2.11 21.24 13.85
N ALA B 132 -2.54 22.19 14.69
CA ALA B 132 -2.00 23.56 14.70
C ALA B 132 -0.72 23.44 15.50
N PRO B 133 0.27 24.32 15.24
CA PRO B 133 1.47 24.18 16.06
C PRO B 133 1.72 25.24 17.15
N GLY B 134 2.42 26.30 16.75
CA GLY B 134 2.84 27.40 17.62
C GLY B 134 4.35 27.50 17.43
N SER B 135 5.11 27.60 18.53
CA SER B 135 6.58 27.68 18.49
C SER B 135 7.19 28.88 17.76
N ALA B 136 6.76 30.11 18.10
CA ALA B 136 7.32 31.34 17.45
C ALA B 136 8.45 31.87 18.31
N ALA B 137 9.69 31.79 17.80
CA ALA B 137 10.88 32.21 18.57
C ALA B 137 11.01 33.73 18.78
N GLN B 138 11.50 34.42 17.75
CA GLN B 138 11.69 35.87 17.66
C GLN B 138 12.05 35.84 16.18
N THR B 139 10.98 35.65 15.37
CA THR B 139 11.06 35.52 13.88
C THR B 139 11.79 34.21 13.44
N ASN B 140 12.56 33.66 14.38
CA ASN B 140 13.36 32.48 14.13
C ASN B 140 12.51 31.18 14.12
N SER B 141 12.00 30.80 12.93
CA SER B 141 11.17 29.59 12.84
C SER B 141 11.01 28.91 11.43
N MET B 142 10.56 27.63 11.46
CA MET B 142 10.24 26.82 10.26
C MET B 142 8.73 26.81 10.32
N VAL B 143 8.07 26.15 9.36
CA VAL B 143 6.60 25.97 9.44
C VAL B 143 6.13 24.67 8.77
N THR B 144 5.25 23.98 9.47
CA THR B 144 4.65 22.74 8.99
C THR B 144 3.40 22.53 9.83
N LEU B 145 2.37 21.92 9.26
CA LEU B 145 1.13 21.66 9.99
C LEU B 145 0.49 20.35 9.52
N GLY B 146 -0.76 20.14 9.90
CA GLY B 146 -1.41 18.93 9.48
C GLY B 146 -2.88 18.81 9.81
N CYS B 147 -3.45 17.69 9.37
CA CYS B 147 -4.82 17.38 9.65
C CYS B 147 -4.89 15.96 10.21
N LEU B 148 -6.01 15.64 10.82
CA LEU B 148 -6.22 14.33 11.40
C LEU B 148 -7.64 13.88 11.09
N VAL B 149 -7.76 12.94 10.14
CA VAL B 149 -9.06 12.37 9.76
C VAL B 149 -9.16 11.06 10.54
N LYS B 150 -9.80 11.12 11.70
CA LYS B 150 -9.93 9.96 12.59
C LYS B 150 -11.27 9.24 12.56
N GLY B 151 -11.22 7.91 12.50
CA GLY B 151 -12.42 7.10 12.52
C GLY B 151 -13.54 7.44 11.58
N TYR B 152 -13.67 6.59 10.56
CA TYR B 152 -14.67 6.70 9.50
C TYR B 152 -14.65 5.41 8.77
N PHE B 153 -15.75 5.15 8.09
CA PHE B 153 -15.91 3.93 7.32
C PHE B 153 -16.85 4.24 6.17
N PRO B 154 -16.54 3.74 4.98
CA PRO B 154 -15.34 2.93 4.69
C PRO B 154 -14.27 3.76 3.99
N GLU B 155 -13.17 3.12 3.56
CA GLU B 155 -12.15 3.83 2.81
C GLU B 155 -12.88 4.15 1.49
N PRO B 156 -12.41 5.16 0.72
CA PRO B 156 -11.29 6.05 0.97
C PRO B 156 -11.73 7.43 1.40
N VAL B 157 -10.78 8.31 1.59
CA VAL B 157 -11.12 9.66 1.99
C VAL B 157 -10.21 10.53 1.12
N THR B 158 -10.47 11.85 1.06
CA THR B 158 -9.63 12.71 0.23
C THR B 158 -9.19 14.01 0.88
N VAL B 159 -7.90 14.08 1.14
CA VAL B 159 -7.31 15.26 1.77
C VAL B 159 -6.58 16.07 0.71
N THR B 160 -6.85 17.38 0.72
CA THR B 160 -6.22 18.33 -0.21
C THR B 160 -5.94 19.56 0.64
N TRP B 161 -4.94 20.37 0.25
CA TRP B 161 -4.66 21.58 1.03
C TRP B 161 -4.88 22.80 0.15
N ASN B 162 -5.66 23.74 0.66
CA ASN B 162 -6.00 24.95 -0.08
C ASN B 162 -6.51 24.59 -1.46
N SER B 163 -7.27 23.52 -1.50
CA SER B 163 -7.88 23.03 -2.71
C SER B 163 -6.94 22.82 -3.87
N GLY B 164 -5.69 22.44 -3.64
CA GLY B 164 -4.76 22.26 -4.76
C GLY B 164 -3.76 23.39 -5.07
N SER B 165 -3.18 23.97 -4.03
CA SER B 165 -2.19 25.00 -4.18
C SER B 165 -0.99 24.44 -3.47
N LEU B 166 -1.26 23.58 -2.50
CA LEU B 166 -0.22 22.87 -1.72
C LEU B 166 -0.34 21.45 -2.23
N SER B 167 0.82 20.83 -2.46
CA SER B 167 0.96 19.51 -3.02
C SER B 167 2.36 18.98 -2.67
N SER B 168 3.35 19.77 -3.07
CA SER B 168 4.75 19.51 -2.80
C SER B 168 4.90 20.05 -1.39
N GLY B 169 5.63 19.36 -0.54
CA GLY B 169 5.72 19.84 0.82
C GLY B 169 4.57 19.21 1.59
N VAL B 170 3.60 18.69 0.84
CA VAL B 170 2.45 18.01 1.42
C VAL B 170 2.84 16.55 1.53
N HIS B 171 2.12 15.82 2.38
CA HIS B 171 2.29 14.38 2.62
C HIS B 171 0.94 13.91 3.03
N THR B 172 0.75 12.61 2.91
CA THR B 172 -0.51 12.02 3.27
C THR B 172 -0.21 10.55 3.47
N PHE B 173 -0.11 10.20 4.74
CA PHE B 173 0.20 8.84 5.12
C PHE B 173 -1.11 8.11 5.12
N PRO B 174 -1.06 6.77 5.03
CA PRO B 174 -2.12 5.74 5.00
C PRO B 174 -3.09 5.73 6.17
N ALA B 175 -4.37 5.56 5.87
CA ALA B 175 -5.41 5.50 6.93
C ALA B 175 -5.25 4.18 7.65
N VAL B 176 -4.69 4.22 8.85
CA VAL B 176 -4.52 3.01 9.62
C VAL B 176 -5.90 2.60 10.19
N LEU B 177 -6.04 1.32 10.50
CA LEU B 177 -7.31 0.87 11.04
C LEU B 177 -7.22 0.82 12.56
N GLN B 178 -8.19 1.45 13.20
CA GLN B 178 -8.30 1.44 14.64
C GLN B 178 -9.69 0.91 14.87
N SER B 179 -9.79 -0.42 14.83
CA SER B 179 -11.04 -1.17 15.01
C SER B 179 -12.21 -0.74 14.12
N ASP B 180 -12.20 -1.26 12.90
CA ASP B 180 -13.24 -1.00 11.92
C ASP B 180 -13.34 0.43 11.43
N LEU B 181 -12.47 1.29 11.94
CA LEU B 181 -12.46 2.68 11.55
C LEU B 181 -11.03 2.99 11.20
N TYR B 182 -10.81 4.00 10.38
CA TYR B 182 -9.46 4.36 10.00
C TYR B 182 -9.08 5.74 10.51
N THR B 183 -7.79 6.04 10.40
CA THR B 183 -7.29 7.34 10.78
C THR B 183 -6.13 7.74 9.88
N LEU B 184 -6.31 8.86 9.22
CA LEU B 184 -5.35 9.37 8.26
C LEU B 184 -4.70 10.74 8.61
N SER B 185 -3.36 10.78 8.60
CA SER B 185 -2.64 12.01 8.86
C SER B 185 -2.23 12.67 7.52
N SER B 186 -2.24 14.00 7.47
CA SER B 186 -1.84 14.69 6.25
C SER B 186 -0.98 15.85 6.71
N SER B 187 0.25 15.90 6.20
CA SER B 187 1.17 16.97 6.59
C SER B 187 1.54 17.98 5.48
N VAL B 188 1.54 19.26 5.84
CA VAL B 188 1.88 20.29 4.90
C VAL B 188 2.84 21.31 5.44
N SER B 189 4.00 21.36 4.81
CA SER B 189 5.00 22.36 5.14
C SER B 189 4.74 23.64 4.30
N VAL B 190 4.69 24.76 4.99
CA VAL B 190 4.52 26.03 4.32
C VAL B 190 5.67 26.84 4.85
N PRO B 191 6.17 27.76 4.03
CA PRO B 191 7.28 28.58 4.49
C PRO B 191 6.58 29.55 5.38
N THR B 192 7.34 30.27 6.19
CA THR B 192 6.67 31.21 7.05
C THR B 192 5.95 32.40 6.35
N SER B 193 4.66 32.47 6.66
CA SER B 193 3.73 33.47 6.13
C SER B 193 2.93 34.15 7.30
N THR B 194 1.58 34.06 7.28
CA THR B 194 0.67 34.65 8.29
C THR B 194 -0.82 34.30 8.06
N GLU B 195 -1.17 34.13 6.77
CA GLU B 195 -2.54 33.80 6.32
C GLU B 195 -2.82 32.36 5.80
N THR B 196 -4.06 31.94 6.07
CA THR B 196 -4.70 30.64 5.75
C THR B 196 -4.03 29.44 5.04
N VAL B 197 -4.06 28.30 5.71
CA VAL B 197 -3.57 27.02 5.20
C VAL B 197 -4.61 26.04 5.73
N THR B 198 -5.60 25.80 4.89
CA THR B 198 -6.73 24.92 5.17
C THR B 198 -6.52 23.52 4.67
N CYS B 199 -7.28 22.59 5.24
CA CYS B 199 -7.23 21.20 4.84
C CYS B 199 -8.67 20.74 4.55
N ASN B 200 -8.93 20.64 3.25
CA ASN B 200 -10.21 20.22 2.74
C ASN B 200 -10.17 18.70 2.82
N VAL B 201 -11.22 18.11 3.41
CA VAL B 201 -11.35 16.66 3.57
C VAL B 201 -12.66 16.22 2.91
N ALA B 202 -12.61 15.12 2.17
CA ALA B 202 -13.78 14.61 1.48
C ALA B 202 -13.95 13.08 1.66
N HIS B 203 -15.19 12.69 1.95
CA HIS B 203 -15.54 11.29 2.17
C HIS B 203 -16.85 10.98 1.45
N ALA B 204 -16.71 10.50 0.22
CA ALA B 204 -17.87 10.18 -0.58
C ALA B 204 -18.97 9.30 0.09
N PRO B 205 -18.57 8.22 0.81
CA PRO B 205 -19.56 7.36 1.47
C PRO B 205 -20.61 8.17 2.20
N SER B 206 -20.27 8.61 3.41
CA SER B 206 -21.20 9.40 4.21
C SER B 206 -21.64 10.68 3.55
N SER B 207 -21.06 10.98 2.39
CA SER B 207 -21.39 12.19 1.66
C SER B 207 -20.91 13.39 2.50
N THR B 208 -19.66 13.30 2.96
CA THR B 208 -19.07 14.35 3.79
C THR B 208 -17.90 15.11 3.14
N LYS B 209 -17.79 16.39 3.49
CA LYS B 209 -16.76 17.29 3.02
C LYS B 209 -16.58 18.31 4.13
N VAL B 210 -15.34 18.49 4.57
CA VAL B 210 -14.99 19.37 5.67
C VAL B 210 -13.70 20.07 5.35
N ASP B 211 -13.72 21.39 5.44
CA ASP B 211 -12.55 22.23 5.17
C ASP B 211 -12.07 22.80 6.52
N LYS B 212 -11.06 22.17 7.08
CA LYS B 212 -10.55 22.56 8.36
C LYS B 212 -9.47 23.63 8.26
N LYS B 213 -9.81 24.89 8.53
CA LYS B 213 -8.76 25.88 8.48
C LYS B 213 -7.91 25.71 9.73
N ILE B 214 -6.60 25.78 9.54
CA ILE B 214 -5.70 25.61 10.65
C ILE B 214 -5.31 26.99 11.18
N VAL B 215 -5.96 27.42 12.25
CA VAL B 215 -5.64 28.70 12.92
C VAL B 215 -4.61 28.30 14.01
N PRO B 216 -3.55 29.10 14.23
CA PRO B 216 -2.52 28.79 15.23
C PRO B 216 -2.93 28.66 16.71
N ARG B 217 -2.18 27.84 17.44
CA ARG B 217 -2.41 27.62 18.85
C ARG B 217 -1.07 27.92 19.55
#